data_5TRD
#
_entry.id   5TRD
#
_cell.length_a   58.411
_cell.length_b   95.040
_cell.length_c   61.262
_cell.angle_alpha   90.000
_cell.angle_beta   113.510
_cell.angle_gamma   90.000
#
_symmetry.space_group_name_H-M   'P 1 21 1'
#
loop_
_entity.id
_entity.type
_entity.pdbx_description
1 polymer 'Riboflavin kinase'
2 polymer "DNA (5'-D(*AP*TP*TP*AP*CP*TP*AP*AP*TP*TP*CP*AP*CP*GP*AP*GP*TP*AP*A)-3')"
3 polymer "DNA (5'-D(P*TP*TP*TP*AP*CP*TP*CP*GP*TP*GP*AP*AP*TP*TP*AP*GP*TP*AP*A)-3')"
4 non-polymer "CYTIDINE-5'-TRIPHOSPHATE"
5 non-polymer 'SODIUM ION'
6 water water
#
loop_
_entity_poly.entity_id
_entity_poly.type
_entity_poly.pdbx_seq_one_letter_code
_entity_poly.pdbx_strand_id
1 'polypeptide(L)'
;MSLETDDQYYRAIKKIKEAAEASNRAYLTSSKLADMLGISQQSASRIIIDLEKNGYITRTVTKRGQILNITEKGLDVLYT
EFADLSRILAIKNNVVITGTVTSGMGEGRYYVARKQYIIQFQEKLGIIPYLGTLNIKVDQASLPELRKIRGFRGIHIEGF
KTEDRTFGSVKAFPAKIQNIPCFVIMPERTVYTDVIEIISDKYLREEINLHDGDRVSVEVYTEGHHHHHH
;
A,B
2 'polydeoxyribonucleotide' (DA)(DT)(DT)(DA)(DC)(DT)(DA)(DA)(DT)(DT)(DC)(DA)(DC)(DG)(DA)(DG)(DT)(DA)(DA) G
3 'polydeoxyribonucleotide' (DT)(DT)(DT)(DA)(DC)(DT)(DC)(DG)(DT)(DG)(DA)(DA)(DT)(DT)(DA)(DG)(DT)(DA)(DA) H
#
# COMPACT_ATOMS: atom_id res chain seq x y z
N ASP A 7 10.48 10.16 -9.96
CA ASP A 7 10.24 9.98 -8.52
C ASP A 7 9.96 11.34 -7.89
N GLN A 8 10.54 12.42 -8.42
CA GLN A 8 10.18 13.74 -7.90
C GLN A 8 8.73 14.09 -8.23
N TYR A 9 8.23 13.68 -9.40
CA TYR A 9 6.80 13.86 -9.71
C TYR A 9 5.93 13.01 -8.81
N TYR A 10 6.31 11.73 -8.62
CA TYR A 10 5.63 10.90 -7.65
C TYR A 10 5.56 11.58 -6.28
N ARG A 11 6.69 12.10 -5.80
CA ARG A 11 6.70 12.73 -4.48
C ARG A 11 5.77 13.94 -4.44
N ALA A 12 5.77 14.75 -5.51
CA ALA A 12 4.91 15.92 -5.52
C ALA A 12 3.44 15.52 -5.58
N ILE A 13 3.10 14.56 -6.44
CA ILE A 13 1.71 14.11 -6.50
C ILE A 13 1.27 13.57 -5.14
N LYS A 14 2.13 12.75 -4.52
CA LYS A 14 1.82 12.19 -3.20
C LYS A 14 1.57 13.28 -2.16
N LYS A 15 2.41 14.31 -2.15
CA LYS A 15 2.26 15.40 -1.19
C LYS A 15 0.98 16.19 -1.46
N ILE A 16 0.66 16.43 -2.73
CA ILE A 16 -0.56 17.16 -3.04
C ILE A 16 -1.77 16.35 -2.60
N LYS A 17 -1.77 15.04 -2.87
CA LYS A 17 -2.88 14.21 -2.41
C LYS A 17 -2.94 14.17 -0.89
N GLU A 18 -1.77 14.13 -0.24
CA GLU A 18 -1.72 14.15 1.21
C GLU A 18 -2.39 15.41 1.74
N ALA A 19 -2.14 16.55 1.10
CA ALA A 19 -2.77 17.79 1.55
C ALA A 19 -4.26 17.82 1.19
N ALA A 20 -4.63 17.19 0.07
CA ALA A 20 -6.00 17.23 -0.41
C ALA A 20 -6.92 16.27 0.35
N GLU A 21 -6.37 15.21 0.92
CA GLU A 21 -7.15 14.12 1.52
C GLU A 21 -8.22 13.61 0.55
N ALA A 22 -9.44 13.37 1.04
CA ALA A 22 -10.45 12.74 0.19
C ALA A 22 -10.91 13.65 -0.95
N SER A 23 -10.74 14.96 -0.84
CA SER A 23 -11.36 15.88 -1.80
C SER A 23 -10.73 15.83 -3.19
N ASN A 24 -9.49 15.35 -3.31
CA ASN A 24 -8.69 15.44 -4.52
C ASN A 24 -8.43 16.88 -4.95
N ARG A 25 -8.59 17.81 -4.03
CA ARG A 25 -8.36 19.23 -4.30
C ARG A 25 -7.59 19.80 -3.13
N ALA A 26 -6.53 20.56 -3.44
CA ALA A 26 -5.69 21.17 -2.42
C ALA A 26 -5.48 22.64 -2.77
N TYR A 27 -5.76 23.52 -1.82
CA TYR A 27 -5.52 24.94 -1.99
C TYR A 27 -4.10 25.21 -1.52
N LEU A 28 -3.23 25.60 -2.44
CA LEU A 28 -1.80 25.70 -2.15
C LEU A 28 -1.18 26.82 -2.95
N THR A 29 -0.21 27.49 -2.34
CA THR A 29 0.74 28.32 -3.07
C THR A 29 1.96 27.46 -3.41
N SER A 30 2.75 27.93 -4.38
CA SER A 30 3.95 27.19 -4.73
C SER A 30 4.95 27.18 -3.58
N SER A 31 5.05 28.28 -2.84
CA SER A 31 6.01 28.28 -1.72
C SER A 31 5.54 27.38 -0.58
N LYS A 32 4.22 27.20 -0.43
CA LYS A 32 3.73 26.25 0.55
C LYS A 32 4.07 24.82 0.16
N LEU A 33 3.87 24.48 -1.11
CA LEU A 33 4.29 23.16 -1.59
C LEU A 33 5.80 23.01 -1.49
N ALA A 34 6.54 24.06 -1.81
CA ALA A 34 8.00 24.01 -1.66
C ALA A 34 8.38 23.66 -0.23
N ASP A 35 7.77 24.32 0.76
CA ASP A 35 8.07 23.98 2.14
C ASP A 35 7.79 22.51 2.42
N MET A 36 6.66 22.01 1.93
CA MET A 36 6.30 20.62 2.16
C MET A 36 7.31 19.66 1.56
N LEU A 37 7.88 20.01 0.41
CA LEU A 37 8.82 19.16 -0.30
C LEU A 37 10.27 19.44 0.05
N GLY A 38 10.54 20.46 0.85
CA GLY A 38 11.91 20.83 1.16
C GLY A 38 12.70 21.36 -0.03
N ILE A 39 12.06 22.13 -0.91
CA ILE A 39 12.70 22.69 -2.09
C ILE A 39 12.36 24.17 -2.17
N SER A 40 12.84 24.82 -3.22
CA SER A 40 12.64 26.25 -3.35
C SER A 40 11.25 26.56 -3.91
N GLN A 41 10.80 27.79 -3.67
CA GLN A 41 9.56 28.24 -4.26
C GLN A 41 9.58 28.03 -5.76
N GLN A 42 10.69 28.42 -6.40
CA GLN A 42 10.79 28.33 -7.85
C GLN A 42 10.70 26.89 -8.32
N SER A 43 11.45 25.98 -7.69
CA SER A 43 11.38 24.57 -8.05
C SER A 43 9.96 24.02 -7.92
N ALA A 44 9.25 24.38 -6.84
CA ALA A 44 7.89 23.86 -6.66
C ALA A 44 6.95 24.43 -7.72
N SER A 45 7.11 25.70 -8.07
CA SER A 45 6.28 26.27 -9.12
C SER A 45 6.53 25.55 -10.44
N ARG A 46 7.79 25.24 -10.76
CA ARG A 46 8.13 24.49 -11.96
C ARG A 46 7.56 23.08 -11.92
N ILE A 47 7.59 22.42 -10.76
CA ILE A 47 7.02 21.08 -10.67
C ILE A 47 5.51 21.13 -10.90
N ILE A 48 4.83 22.13 -10.29
CA ILE A 48 3.39 22.26 -10.47
C ILE A 48 3.04 22.42 -11.95
N ILE A 49 3.80 23.25 -12.66
CA ILE A 49 3.52 23.48 -14.08
C ILE A 49 3.75 22.21 -14.87
N ASP A 50 4.79 21.45 -14.52
CA ASP A 50 5.06 20.21 -15.24
C ASP A 50 4.02 19.14 -14.94
N LEU A 51 3.55 19.07 -13.69
CA LEU A 51 2.46 18.14 -13.38
C LEU A 51 1.24 18.45 -14.22
N GLU A 52 0.93 19.74 -14.38
CA GLU A 52 -0.16 20.14 -15.25
C GLU A 52 0.11 19.74 -16.68
N LYS A 53 1.31 20.08 -17.18
CA LYS A 53 1.66 19.80 -18.56
C LYS A 53 1.51 18.32 -18.88
N ASN A 54 1.79 17.45 -17.90
CA ASN A 54 1.75 16.01 -18.13
C ASN A 54 0.44 15.37 -17.69
N GLY A 55 -0.56 16.17 -17.32
CA GLY A 55 -1.89 15.63 -17.06
C GLY A 55 -2.13 15.08 -15.66
N TYR A 56 -1.19 15.29 -14.73
CA TYR A 56 -1.35 14.76 -13.38
C TYR A 56 -2.25 15.62 -12.51
N ILE A 57 -2.38 16.91 -12.82
CA ILE A 57 -3.25 17.82 -12.09
C ILE A 57 -3.88 18.76 -13.10
N THR A 58 -4.99 19.39 -12.69
CA THR A 58 -5.48 20.62 -13.29
C THR A 58 -5.46 21.71 -12.23
N ARG A 59 -5.55 22.96 -12.66
CA ARG A 59 -5.33 24.06 -11.73
C ARG A 59 -6.27 25.22 -12.02
N THR A 60 -6.62 25.94 -10.96
CA THR A 60 -7.06 27.33 -11.05
C THR A 60 -5.94 28.17 -10.45
N VAL A 61 -5.37 29.06 -11.25
CA VAL A 61 -4.21 29.87 -10.85
C VAL A 61 -4.63 31.32 -10.81
N THR A 62 -4.39 31.98 -9.68
CA THR A 62 -4.58 33.42 -9.55
C THR A 62 -3.37 34.00 -8.80
N LYS A 63 -3.33 35.33 -8.69
CA LYS A 63 -2.28 35.99 -7.92
C LYS A 63 -2.33 35.65 -6.44
N ARG A 64 -3.40 35.02 -5.96
CA ARG A 64 -3.48 34.68 -4.55
C ARG A 64 -2.88 33.31 -4.24
N GLY A 65 -2.92 32.40 -5.20
CA GLY A 65 -2.46 31.04 -4.98
C GLY A 65 -3.06 30.12 -6.04
N GLN A 66 -3.13 28.84 -5.70
CA GLN A 66 -3.55 27.86 -6.69
C GLN A 66 -4.50 26.87 -6.04
N ILE A 67 -5.43 26.39 -6.86
CA ILE A 67 -6.27 25.24 -6.53
C ILE A 67 -5.78 24.11 -7.41
N LEU A 68 -5.23 23.08 -6.78
CA LEU A 68 -4.64 21.96 -7.49
C LEU A 68 -5.58 20.78 -7.41
N ASN A 69 -6.06 20.31 -8.56
CA ASN A 69 -6.98 19.18 -8.64
C ASN A 69 -6.21 17.99 -9.19
N ILE A 70 -6.11 16.92 -8.42
CA ILE A 70 -5.46 15.71 -8.92
C ILE A 70 -6.40 15.01 -9.90
N THR A 71 -5.87 14.68 -11.07
CA THR A 71 -6.67 14.00 -12.08
C THR A 71 -6.70 12.50 -11.80
N GLU A 72 -7.51 11.79 -12.58
CA GLU A 72 -7.45 10.33 -12.54
C GLU A 72 -6.05 9.83 -12.85
N LYS A 73 -5.39 10.40 -13.87
CA LYS A 73 -4.01 10.01 -14.16
C LYS A 73 -3.09 10.26 -12.98
N GLY A 74 -3.24 11.40 -12.30
CA GLY A 74 -2.43 11.65 -11.11
C GLY A 74 -2.65 10.63 -10.01
N LEU A 75 -3.91 10.28 -9.74
CA LEU A 75 -4.18 9.26 -8.73
C LEU A 75 -3.63 7.90 -9.15
N ASP A 76 -3.64 7.62 -10.45
CA ASP A 76 -3.15 6.36 -10.98
C ASP A 76 -1.66 6.18 -10.64
N VAL A 77 -0.89 7.27 -10.65
CA VAL A 77 0.52 7.20 -10.25
C VAL A 77 0.62 6.63 -8.84
N LEU A 78 -0.21 7.13 -7.94
CA LEU A 78 -0.14 6.69 -6.54
C LEU A 78 -0.67 5.27 -6.37
N TYR A 79 -1.80 4.95 -7.01
CA TYR A 79 -2.32 3.61 -6.86
C TYR A 79 -1.40 2.59 -7.52
N THR A 80 -0.74 2.96 -8.62
CA THR A 80 0.20 2.04 -9.24
C THR A 80 1.38 1.81 -8.31
N GLU A 81 1.83 2.85 -7.61
CA GLU A 81 2.94 2.65 -6.68
C GLU A 81 2.47 1.79 -5.49
N PHE A 82 1.24 1.99 -5.03
CA PHE A 82 0.72 1.15 -3.96
C PHE A 82 0.70 -0.31 -4.39
N ALA A 83 0.17 -0.57 -5.59
CA ALA A 83 0.06 -1.93 -6.10
C ALA A 83 1.43 -2.57 -6.28
N ASP A 84 2.41 -1.78 -6.71
CA ASP A 84 3.77 -2.29 -6.85
C ASP A 84 4.28 -2.80 -5.50
N LEU A 85 4.14 -1.98 -4.46
CA LEU A 85 4.63 -2.39 -3.15
C LEU A 85 3.82 -3.55 -2.60
N SER A 86 2.50 -3.54 -2.81
CA SER A 86 1.70 -4.66 -2.37
C SER A 86 2.20 -5.95 -3.01
N ARG A 87 2.56 -5.90 -4.30
CA ARG A 87 3.06 -7.10 -4.98
C ARG A 87 4.43 -7.50 -4.45
N ILE A 88 5.34 -6.54 -4.40
CA ILE A 88 6.74 -6.83 -4.04
C ILE A 88 6.83 -7.28 -2.58
N LEU A 89 6.02 -6.71 -1.71
CA LEU A 89 6.04 -7.10 -0.29
C LEU A 89 5.06 -8.22 0.02
N ALA A 90 4.34 -8.71 -0.97
CA ALA A 90 3.40 -9.82 -0.81
C ALA A 90 2.36 -9.50 0.27
N ILE A 91 1.78 -8.31 0.16
CA ILE A 91 0.71 -7.87 1.05
C ILE A 91 -0.60 -8.05 0.29
N LYS A 92 -1.46 -8.93 0.80
CA LYS A 92 -2.70 -9.24 0.10
C LYS A 92 -3.61 -8.01 0.10
N ASN A 93 -4.01 -7.56 -1.08
CA ASN A 93 -4.82 -6.35 -1.20
C ASN A 93 -5.90 -6.54 -2.26
N ASN A 94 -6.74 -7.56 -2.07
CA ASN A 94 -7.92 -7.71 -2.90
C ASN A 94 -8.92 -6.59 -2.62
N VAL A 95 -10.00 -6.55 -3.42
CA VAL A 95 -10.86 -5.38 -3.49
C VAL A 95 -12.32 -5.80 -3.56
N VAL A 96 -13.19 -5.03 -2.93
CA VAL A 96 -14.63 -5.18 -3.09
C VAL A 96 -15.18 -3.88 -3.69
N ILE A 97 -15.87 -3.99 -4.83
CA ILE A 97 -16.48 -2.87 -5.53
C ILE A 97 -17.98 -3.02 -5.45
N THR A 98 -18.70 -1.90 -5.33
CA THR A 98 -20.14 -1.93 -5.52
C THR A 98 -20.49 -1.01 -6.69
N GLY A 99 -21.55 -1.38 -7.39
CA GLY A 99 -21.96 -0.61 -8.56
C GLY A 99 -23.30 -1.13 -9.05
N THR A 100 -23.75 -0.57 -10.16
CA THR A 100 -25.07 -0.85 -10.69
C THR A 100 -24.96 -1.36 -12.13
N VAL A 101 -25.81 -2.34 -12.45
CA VAL A 101 -25.79 -2.96 -13.77
C VAL A 101 -26.31 -1.98 -14.82
N THR A 102 -25.61 -1.90 -15.96
CA THR A 102 -26.06 -1.07 -17.07
C THR A 102 -26.07 -1.87 -18.37
N SER A 103 -26.87 -1.41 -19.31
CA SER A 103 -26.85 -1.83 -20.72
C SER A 103 -26.06 -0.82 -21.54
N GLY A 104 -25.54 -1.28 -22.68
CA GLY A 104 -24.73 -0.44 -23.52
C GLY A 104 -25.21 -0.46 -24.96
N MET A 105 -24.27 -0.23 -25.87
CA MET A 105 -24.55 -0.24 -27.30
C MET A 105 -24.36 -1.62 -27.91
N GLY A 106 -24.11 -2.62 -27.08
CA GLY A 106 -23.96 -3.98 -27.57
C GLY A 106 -22.65 -4.26 -28.26
N GLU A 107 -21.60 -3.51 -27.93
CA GLU A 107 -20.31 -3.72 -28.59
C GLU A 107 -19.40 -4.71 -27.89
N GLY A 108 -19.59 -4.95 -26.58
CA GLY A 108 -18.75 -5.91 -25.89
C GLY A 108 -18.78 -7.28 -26.56
N ARG A 109 -19.93 -7.65 -27.10
CA ARG A 109 -20.08 -8.92 -27.80
C ARG A 109 -19.11 -9.04 -28.96
N TYR A 110 -18.94 -7.97 -29.74
CA TYR A 110 -17.97 -7.98 -30.83
C TYR A 110 -16.55 -8.22 -30.31
N TYR A 111 -16.14 -7.44 -29.30
CA TYR A 111 -14.75 -7.49 -28.83
C TYR A 111 -14.42 -8.85 -28.25
N VAL A 112 -15.29 -9.38 -27.38
CA VAL A 112 -14.99 -10.66 -26.74
C VAL A 112 -14.86 -11.76 -27.78
N ALA A 113 -15.59 -11.64 -28.89
CA ALA A 113 -15.60 -12.70 -29.90
C ALA A 113 -14.36 -12.72 -30.80
N ARG A 114 -13.44 -11.76 -30.69
CA ARG A 114 -12.22 -11.83 -31.50
C ARG A 114 -11.47 -13.12 -31.17
N LYS A 115 -11.13 -13.90 -32.21
CA LYS A 115 -10.52 -15.21 -31.99
C LYS A 115 -9.24 -15.08 -31.18
N GLN A 116 -8.45 -14.02 -31.45
CA GLN A 116 -7.19 -13.86 -30.74
C GLN A 116 -7.37 -13.57 -29.25
N TYR A 117 -8.49 -12.95 -28.84
CA TYR A 117 -8.77 -12.87 -27.40
C TYR A 117 -9.29 -14.21 -26.88
N ILE A 118 -10.24 -14.81 -27.59
CA ILE A 118 -10.90 -16.04 -27.14
C ILE A 118 -9.86 -17.10 -26.80
N ILE A 119 -8.89 -17.28 -27.69
CA ILE A 119 -7.83 -18.27 -27.45
C ILE A 119 -7.12 -17.98 -26.14
N GLN A 120 -6.89 -16.71 -25.84
CA GLN A 120 -6.22 -16.36 -24.61
C GLN A 120 -7.13 -16.47 -23.39
N PHE A 121 -8.43 -16.17 -23.55
CA PHE A 121 -9.35 -16.41 -22.46
C PHE A 121 -9.36 -17.89 -22.08
N GLN A 122 -9.30 -18.77 -23.09
CA GLN A 122 -9.31 -20.21 -22.81
C GLN A 122 -8.00 -20.64 -22.16
N GLU A 123 -6.86 -20.21 -22.71
CA GLU A 123 -5.58 -20.65 -22.17
C GLU A 123 -5.30 -20.05 -20.80
N LYS A 124 -5.52 -18.75 -20.64
CA LYS A 124 -5.10 -18.07 -19.42
C LYS A 124 -6.18 -18.04 -18.36
N LEU A 125 -7.45 -17.95 -18.73
CA LEU A 125 -8.53 -17.84 -17.76
C LEU A 125 -9.33 -19.12 -17.60
N GLY A 126 -9.12 -20.10 -18.49
CA GLY A 126 -9.83 -21.36 -18.38
C GLY A 126 -11.29 -21.33 -18.79
N ILE A 127 -11.72 -20.34 -19.58
CA ILE A 127 -13.12 -20.24 -19.94
C ILE A 127 -13.27 -19.86 -21.41
N ILE A 128 -14.36 -20.36 -22.01
CA ILE A 128 -14.93 -19.75 -23.21
C ILE A 128 -15.99 -18.78 -22.75
N PRO A 129 -15.76 -17.48 -22.83
CA PRO A 129 -16.73 -16.51 -22.30
C PRO A 129 -18.01 -16.54 -23.11
N TYR A 130 -19.12 -16.31 -22.41
CA TYR A 130 -20.30 -15.81 -23.10
C TYR A 130 -19.90 -14.59 -23.92
N LEU A 131 -20.46 -14.43 -25.12
CA LEU A 131 -20.00 -13.35 -25.99
C LEU A 131 -20.68 -12.04 -25.61
N GLY A 132 -19.99 -11.27 -24.76
CA GLY A 132 -20.46 -9.98 -24.29
C GLY A 132 -19.76 -9.63 -23.00
N THR A 133 -19.99 -8.41 -22.51
CA THR A 133 -19.45 -7.99 -21.23
C THR A 133 -20.59 -7.43 -20.37
N LEU A 134 -20.63 -7.85 -19.11
CA LEU A 134 -21.58 -7.28 -18.17
C LEU A 134 -21.02 -5.96 -17.66
N ASN A 135 -21.71 -4.85 -17.98
CA ASN A 135 -21.24 -3.53 -17.54
C ASN A 135 -21.72 -3.24 -16.13
N ILE A 136 -20.80 -2.83 -15.29
CA ILE A 136 -21.12 -2.35 -13.94
C ILE A 136 -20.62 -0.92 -13.83
N LYS A 137 -21.53 0.01 -13.57
CA LYS A 137 -21.14 1.37 -13.27
C LYS A 137 -20.81 1.45 -11.78
N VAL A 138 -19.54 1.70 -11.46
CA VAL A 138 -19.11 1.66 -10.08
C VAL A 138 -19.68 2.85 -9.32
N ASP A 139 -20.14 2.60 -8.10
CA ASP A 139 -20.68 3.66 -7.26
C ASP A 139 -19.59 4.69 -6.97
N GLN A 140 -20.03 5.93 -6.75
CA GLN A 140 -19.08 6.99 -6.43
C GLN A 140 -18.25 6.62 -5.21
N ALA A 141 -18.88 6.00 -4.20
CA ALA A 141 -18.16 5.61 -3.00
C ALA A 141 -17.12 4.52 -3.25
N SER A 142 -17.26 3.72 -4.31
CA SER A 142 -16.29 2.67 -4.62
C SER A 142 -15.24 3.09 -5.64
N LEU A 143 -15.26 4.35 -6.11
CA LEU A 143 -14.23 4.76 -7.06
C LEU A 143 -12.80 4.63 -6.53
N PRO A 144 -12.49 4.95 -5.27
CA PRO A 144 -11.12 4.71 -4.81
C PRO A 144 -10.70 3.25 -4.92
N GLU A 145 -11.63 2.31 -4.68
CA GLU A 145 -11.30 0.90 -4.84
C GLU A 145 -11.15 0.52 -6.32
N LEU A 146 -11.94 1.12 -7.21
CA LEU A 146 -11.73 0.89 -8.62
C LEU A 146 -10.32 1.34 -9.03
N ARG A 147 -9.91 2.51 -8.55
CA ARG A 147 -8.55 2.99 -8.84
C ARG A 147 -7.50 2.04 -8.27
N LYS A 148 -7.76 1.49 -7.09
CA LYS A 148 -6.83 0.54 -6.52
C LYS A 148 -6.63 -0.64 -7.47
N ILE A 149 -7.73 -1.21 -7.98
CA ILE A 149 -7.64 -2.34 -8.91
C ILE A 149 -6.79 -1.99 -10.12
N ARG A 150 -7.02 -0.81 -10.72
CA ARG A 150 -6.32 -0.40 -11.93
C ARG A 150 -4.82 -0.24 -11.75
N GLY A 151 -4.34 -0.08 -10.52
CA GLY A 151 -2.91 -0.04 -10.31
C GLY A 151 -2.22 -1.39 -10.44
N PHE A 152 -2.97 -2.47 -10.28
CA PHE A 152 -2.43 -3.82 -10.34
C PHE A 152 -2.34 -4.30 -11.78
N ARG A 153 -1.49 -5.30 -12.00
CA ARG A 153 -1.21 -5.77 -13.35
C ARG A 153 -2.25 -6.76 -13.85
N GLY A 154 -2.86 -7.53 -12.95
CA GLY A 154 -3.79 -8.55 -13.41
C GLY A 154 -3.09 -9.61 -14.26
N ILE A 155 -3.91 -10.33 -15.02
CA ILE A 155 -3.45 -11.40 -15.92
C ILE A 155 -3.34 -10.78 -17.30
N HIS A 156 -2.15 -10.83 -17.89
CA HIS A 156 -1.92 -10.15 -19.16
C HIS A 156 -2.56 -10.89 -20.32
N ILE A 157 -3.32 -10.17 -21.14
CA ILE A 157 -3.93 -10.69 -22.36
C ILE A 157 -3.34 -9.88 -23.51
N GLU A 158 -2.57 -10.53 -24.37
CA GLU A 158 -1.84 -9.80 -25.40
C GLU A 158 -2.77 -9.28 -26.49
N GLY A 159 -2.53 -8.03 -26.90
CA GLY A 159 -3.21 -7.44 -28.03
C GLY A 159 -2.73 -8.00 -29.36
N PHE A 160 -3.34 -7.52 -30.44
CA PHE A 160 -3.05 -8.07 -31.75
C PHE A 160 -3.49 -7.11 -32.84
N LYS A 161 -3.00 -7.36 -34.04
CA LYS A 161 -3.25 -6.51 -35.20
C LYS A 161 -3.98 -7.32 -36.26
N THR A 162 -4.99 -6.70 -36.86
CA THR A 162 -5.64 -7.21 -38.05
C THR A 162 -5.42 -6.21 -39.19
N GLU A 163 -5.87 -6.60 -40.39
CA GLU A 163 -5.87 -5.65 -41.49
C GLU A 163 -6.78 -4.47 -41.20
N ASP A 164 -7.84 -4.70 -40.42
CA ASP A 164 -8.73 -3.64 -39.98
C ASP A 164 -8.01 -2.70 -39.03
N ARG A 165 -7.67 -3.20 -37.84
CA ARG A 165 -7.29 -2.33 -36.75
C ARG A 165 -6.36 -3.05 -35.79
N THR A 166 -5.89 -2.30 -34.80
CA THR A 166 -5.18 -2.85 -33.67
C THR A 166 -6.15 -3.05 -32.51
N PHE A 167 -6.06 -4.19 -31.85
CA PHE A 167 -6.80 -4.45 -30.62
C PHE A 167 -5.79 -4.46 -29.48
N GLY A 168 -6.07 -3.66 -28.45
CA GLY A 168 -5.09 -3.41 -27.42
C GLY A 168 -5.02 -4.54 -26.41
N SER A 169 -3.88 -4.59 -25.73
CA SER A 169 -3.71 -5.56 -24.66
C SER A 169 -4.72 -5.28 -23.55
N VAL A 170 -5.07 -6.35 -22.83
CA VAL A 170 -6.13 -6.33 -21.83
C VAL A 170 -5.59 -7.01 -20.59
N LYS A 171 -6.01 -6.54 -19.43
CA LYS A 171 -5.68 -7.26 -18.23
C LYS A 171 -6.95 -7.75 -17.57
N ALA A 172 -6.88 -8.98 -17.07
CA ALA A 172 -8.02 -9.66 -16.49
C ALA A 172 -7.75 -9.93 -15.02
N PHE A 173 -8.77 -9.74 -14.18
CA PHE A 173 -8.67 -10.04 -12.76
C PHE A 173 -9.71 -11.10 -12.40
N PRO A 174 -9.32 -12.20 -11.77
CA PRO A 174 -10.33 -13.11 -11.22
C PRO A 174 -11.27 -12.34 -10.31
N ALA A 175 -12.55 -12.71 -10.34
CA ALA A 175 -13.54 -11.93 -9.59
C ALA A 175 -14.71 -12.83 -9.25
N LYS A 176 -15.61 -12.28 -8.46
CA LYS A 176 -16.82 -12.96 -8.04
C LYS A 176 -17.93 -11.93 -8.01
N ILE A 177 -19.08 -12.26 -8.58
CA ILE A 177 -20.24 -11.40 -8.46
C ILE A 177 -21.36 -12.27 -7.91
N GLN A 178 -21.85 -11.92 -6.72
CA GLN A 178 -22.88 -12.70 -6.03
C GLN A 178 -22.56 -14.19 -6.09
N ASN A 179 -21.31 -14.52 -5.74
CA ASN A 179 -20.75 -15.86 -5.64
C ASN A 179 -20.49 -16.53 -6.98
N ILE A 180 -20.69 -15.83 -8.10
CA ILE A 180 -20.46 -16.41 -9.42
C ILE A 180 -19.01 -16.09 -9.83
N PRO A 181 -18.18 -17.08 -10.10
CA PRO A 181 -16.82 -16.78 -10.58
C PRO A 181 -16.86 -16.13 -11.94
N CYS A 182 -16.03 -15.12 -12.13
CA CYS A 182 -15.99 -14.38 -13.39
C CYS A 182 -14.64 -13.66 -13.43
N PHE A 183 -14.51 -12.71 -14.36
CA PHE A 183 -13.30 -11.90 -14.49
C PHE A 183 -13.69 -10.46 -14.82
N VAL A 184 -12.97 -9.52 -14.21
CA VAL A 184 -13.02 -8.13 -14.65
C VAL A 184 -11.93 -7.94 -15.70
N ILE A 185 -12.28 -7.32 -16.83
CA ILE A 185 -11.31 -7.08 -17.88
C ILE A 185 -11.29 -5.59 -18.19
N MET A 186 -10.09 -5.06 -18.42
CA MET A 186 -9.92 -3.65 -18.71
C MET A 186 -8.66 -3.50 -19.54
N PRO A 187 -8.57 -2.46 -20.37
CA PRO A 187 -7.36 -2.29 -21.20
C PRO A 187 -6.14 -2.05 -20.32
N GLU A 188 -4.99 -2.59 -20.74
CA GLU A 188 -3.75 -2.35 -20.01
C GLU A 188 -3.34 -0.89 -20.11
N ARG A 189 -3.54 -0.27 -21.26
CA ARG A 189 -3.35 1.16 -21.40
C ARG A 189 -4.55 1.81 -20.74
N THR A 190 -4.36 2.23 -19.49
CA THR A 190 -5.48 2.49 -18.59
C THR A 190 -6.44 3.53 -19.15
N VAL A 191 -7.73 3.23 -19.07
CA VAL A 191 -8.79 4.17 -19.41
C VAL A 191 -9.54 4.52 -18.13
N TYR A 192 -9.69 5.83 -17.86
CA TYR A 192 -10.26 6.31 -16.60
C TYR A 192 -11.76 6.45 -16.73
N THR A 193 -12.44 5.31 -16.66
CA THR A 193 -13.88 5.23 -16.76
C THR A 193 -14.42 4.66 -15.46
N ASP A 194 -15.67 4.99 -15.13
CA ASP A 194 -16.27 4.39 -13.95
C ASP A 194 -17.07 3.14 -14.26
N VAL A 195 -16.97 2.61 -15.49
CA VAL A 195 -17.66 1.40 -15.88
C VAL A 195 -16.64 0.26 -15.95
N ILE A 196 -16.87 -0.81 -15.19
CA ILE A 196 -16.06 -2.00 -15.31
C ILE A 196 -16.82 -3.01 -16.15
N GLU A 197 -16.08 -3.97 -16.70
CA GLU A 197 -16.61 -4.94 -17.63
C GLU A 197 -16.27 -6.33 -17.13
N ILE A 198 -17.30 -7.18 -17.00
CA ILE A 198 -17.12 -8.54 -16.50
C ILE A 198 -17.35 -9.52 -17.63
N ILE A 199 -16.47 -10.53 -17.73
CA ILE A 199 -16.72 -11.67 -18.60
C ILE A 199 -16.86 -12.92 -17.74
N SER A 200 -17.61 -13.88 -18.27
CA SER A 200 -17.84 -15.16 -17.61
C SER A 200 -18.24 -16.17 -18.68
N ASP A 201 -18.08 -17.45 -18.33
CA ASP A 201 -18.68 -18.48 -19.17
C ASP A 201 -20.19 -18.55 -19.01
N LYS A 202 -20.75 -17.91 -17.98
CA LYS A 202 -22.19 -17.89 -17.76
C LYS A 202 -22.79 -16.61 -18.32
N TYR A 203 -24.03 -16.70 -18.83
CA TYR A 203 -24.84 -15.54 -19.17
C TYR A 203 -25.40 -14.99 -17.86
N LEU A 204 -24.80 -13.90 -17.35
CA LEU A 204 -25.06 -13.48 -15.98
C LEU A 204 -26.46 -12.90 -15.81
N ARG A 205 -27.02 -12.26 -16.85
CA ARG A 205 -28.40 -11.78 -16.76
C ARG A 205 -29.34 -12.90 -16.29
N GLU A 206 -29.13 -14.11 -16.78
CA GLU A 206 -29.99 -15.22 -16.38
C GLU A 206 -29.46 -15.94 -15.16
N GLU A 207 -28.14 -16.07 -15.06
CA GLU A 207 -27.54 -16.80 -13.94
C GLU A 207 -27.94 -16.20 -12.59
N ILE A 208 -27.98 -14.86 -12.48
CA ILE A 208 -28.30 -14.24 -11.20
C ILE A 208 -29.34 -13.13 -11.37
N ASN A 209 -30.22 -13.26 -12.36
CA ASN A 209 -31.35 -12.36 -12.60
C ASN A 209 -30.98 -10.90 -12.38
N LEU A 210 -30.07 -10.41 -13.21
CA LEU A 210 -29.57 -9.05 -13.09
C LEU A 210 -30.40 -8.13 -13.97
N HIS A 211 -31.02 -7.12 -13.35
CA HIS A 211 -31.73 -6.10 -14.09
C HIS A 211 -30.88 -4.84 -14.15
N ASP A 212 -31.07 -4.05 -15.20
CA ASP A 212 -30.43 -2.73 -15.23
C ASP A 212 -30.83 -1.93 -14.00
N GLY A 213 -29.84 -1.30 -13.38
CA GLY A 213 -30.01 -0.53 -12.17
C GLY A 213 -29.80 -1.29 -10.89
N ASP A 214 -29.80 -2.62 -10.94
CA ASP A 214 -29.53 -3.44 -9.76
C ASP A 214 -28.15 -3.13 -9.21
N ARG A 215 -28.05 -2.98 -7.90
CA ARG A 215 -26.77 -2.75 -7.25
C ARG A 215 -26.15 -4.10 -6.92
N VAL A 216 -24.87 -4.26 -7.27
CA VAL A 216 -24.19 -5.53 -7.06
C VAL A 216 -22.85 -5.26 -6.40
N SER A 217 -22.32 -6.29 -5.76
CA SER A 217 -20.99 -6.23 -5.15
C SER A 217 -20.09 -7.17 -5.94
N VAL A 218 -18.91 -6.68 -6.29
CA VAL A 218 -17.94 -7.47 -7.05
C VAL A 218 -16.64 -7.53 -6.25
N GLU A 219 -16.22 -8.75 -5.95
CA GLU A 219 -14.95 -9.01 -5.30
C GLU A 219 -13.92 -9.26 -6.38
N VAL A 220 -12.79 -8.55 -6.31
CA VAL A 220 -11.79 -8.58 -7.38
C VAL A 220 -10.45 -8.99 -6.75
N TYR A 221 -9.86 -10.05 -7.27
CA TYR A 221 -8.62 -10.57 -6.71
C TYR A 221 -7.45 -9.94 -7.44
N THR A 222 -6.61 -9.23 -6.69
CA THR A 222 -5.47 -8.56 -7.30
C THR A 222 -4.19 -9.36 -7.15
N GLU A 223 -4.27 -10.51 -6.48
CA GLU A 223 -3.16 -11.45 -6.38
C GLU A 223 -3.72 -12.86 -6.49
N GLY A 224 -2.93 -13.77 -7.04
CA GLY A 224 -3.30 -15.17 -7.14
C GLY A 224 -4.62 -15.39 -7.86
N HIS A 225 -5.26 -16.52 -7.53
CA HIS A 225 -6.56 -16.91 -8.10
C HIS A 225 -6.56 -17.02 -9.62
N TYR B 9 16.89 6.86 -2.39
CA TYR B 9 17.33 5.46 -2.37
C TYR B 9 16.15 4.49 -2.53
N TYR B 10 14.94 5.05 -2.51
CA TYR B 10 13.72 4.24 -2.47
C TYR B 10 13.60 3.33 -3.68
N ARG B 11 13.75 3.88 -4.89
CA ARG B 11 13.56 3.06 -6.09
C ARG B 11 14.57 1.91 -6.12
N ALA B 12 15.83 2.17 -5.75
CA ALA B 12 16.81 1.09 -5.83
C ALA B 12 16.49 -0.01 -4.83
N ILE B 13 16.12 0.36 -3.61
CA ILE B 13 15.74 -0.65 -2.62
C ILE B 13 14.52 -1.44 -3.10
N LYS B 14 13.55 -0.73 -3.68
CA LYS B 14 12.37 -1.40 -4.22
C LYS B 14 12.76 -2.45 -5.27
N LYS B 15 13.67 -2.10 -6.17
CA LYS B 15 14.04 -3.04 -7.22
C LYS B 15 14.88 -4.19 -6.67
N ILE B 16 15.75 -3.92 -5.69
CA ILE B 16 16.52 -5.01 -5.10
C ILE B 16 15.59 -5.99 -4.39
N LYS B 17 14.63 -5.48 -3.64
CA LYS B 17 13.65 -6.36 -2.99
C LYS B 17 12.86 -7.15 -4.03
N GLU B 18 12.47 -6.50 -5.13
CA GLU B 18 11.72 -7.21 -6.16
C GLU B 18 12.57 -8.34 -6.73
N ALA B 19 13.86 -8.07 -6.97
CA ALA B 19 14.78 -9.10 -7.45
C ALA B 19 15.02 -10.18 -6.38
N ALA B 20 15.05 -9.80 -5.11
CA ALA B 20 15.20 -10.78 -4.05
C ALA B 20 14.01 -11.71 -3.94
N GLU B 21 12.91 -11.38 -4.62
CA GLU B 21 11.69 -12.17 -4.62
C GLU B 21 11.26 -12.46 -3.19
N ALA B 22 11.10 -13.75 -2.86
CA ALA B 22 10.63 -14.14 -1.55
C ALA B 22 11.56 -13.64 -0.44
N SER B 23 12.86 -13.88 -0.60
CA SER B 23 13.80 -13.60 0.48
C SER B 23 14.24 -12.14 0.42
N ASN B 24 15.23 -11.81 1.23
CA ASN B 24 15.76 -10.47 1.30
C ASN B 24 17.18 -10.40 0.76
N ARG B 25 17.59 -11.38 -0.05
CA ARG B 25 18.89 -11.38 -0.69
C ARG B 25 18.76 -11.52 -2.19
N ALA B 26 19.62 -10.84 -2.92
CA ALA B 26 19.63 -10.93 -4.36
C ALA B 26 21.08 -10.99 -4.85
N TYR B 27 21.33 -11.88 -5.79
CA TYR B 27 22.60 -11.90 -6.53
C TYR B 27 22.38 -11.07 -7.79
N LEU B 28 23.11 -9.97 -7.89
CA LEU B 28 22.88 -8.98 -8.94
C LEU B 28 24.23 -8.46 -9.44
N THR B 29 24.18 -7.68 -10.51
CA THR B 29 25.31 -6.88 -10.96
C THR B 29 24.85 -5.43 -11.05
N SER B 30 25.82 -4.50 -11.09
CA SER B 30 25.44 -3.11 -11.23
C SER B 30 24.75 -2.85 -12.57
N SER B 31 25.13 -3.59 -13.60
CA SER B 31 24.46 -3.43 -14.91
C SER B 31 23.01 -3.87 -14.84
N LYS B 32 22.75 -5.02 -14.19
CA LYS B 32 21.38 -5.49 -14.03
C LYS B 32 20.54 -4.47 -13.26
N LEU B 33 21.06 -3.97 -12.15
CA LEU B 33 20.34 -2.95 -11.40
C LEU B 33 20.14 -1.69 -12.22
N ALA B 34 21.17 -1.26 -12.94
CA ALA B 34 21.05 -0.08 -13.80
C ALA B 34 19.90 -0.21 -14.79
N ASP B 35 19.83 -1.33 -15.51
CA ASP B 35 18.78 -1.44 -16.50
C ASP B 35 17.40 -1.63 -15.86
N MET B 36 17.36 -2.17 -14.64
CA MET B 36 16.12 -2.19 -13.87
C MET B 36 15.62 -0.79 -13.54
N LEU B 37 16.55 0.17 -13.40
CA LEU B 37 16.22 1.50 -12.93
C LEU B 37 16.21 2.55 -14.02
N GLY B 38 16.65 2.21 -15.23
CA GLY B 38 16.74 3.18 -16.29
C GLY B 38 17.87 4.17 -16.12
N ILE B 39 18.98 3.74 -15.48
CA ILE B 39 20.13 4.60 -15.23
C ILE B 39 21.38 3.91 -15.78
N SER B 40 22.50 4.64 -15.70
CA SER B 40 23.75 4.09 -16.20
C SER B 40 24.29 3.04 -15.23
N GLN B 41 25.15 2.16 -15.75
CA GLN B 41 25.84 1.19 -14.91
C GLN B 41 26.59 1.89 -13.79
N GLN B 42 27.33 2.94 -14.15
CA GLN B 42 28.13 3.66 -13.17
C GLN B 42 27.27 4.21 -12.02
N SER B 43 26.10 4.77 -12.34
CA SER B 43 25.23 5.29 -11.28
C SER B 43 24.71 4.16 -10.39
N ALA B 44 24.34 3.02 -10.98
CA ALA B 44 23.83 1.91 -10.18
C ALA B 44 24.90 1.38 -9.25
N SER B 45 26.14 1.29 -9.74
CA SER B 45 27.25 0.88 -8.88
C SER B 45 27.39 1.82 -7.69
N ARG B 46 27.37 3.13 -7.96
CA ARG B 46 27.43 4.13 -6.91
C ARG B 46 26.27 3.99 -5.93
N ILE B 47 25.06 3.77 -6.44
CA ILE B 47 23.91 3.61 -5.55
C ILE B 47 24.10 2.41 -4.62
N ILE B 48 24.61 1.30 -5.15
CA ILE B 48 24.83 0.14 -4.29
C ILE B 48 25.82 0.47 -3.18
N ILE B 49 26.92 1.14 -3.53
CA ILE B 49 27.92 1.52 -2.54
C ILE B 49 27.30 2.41 -1.46
N ASP B 50 26.50 3.39 -1.87
CA ASP B 50 25.88 4.29 -0.90
C ASP B 50 24.85 3.59 -0.02
N LEU B 51 24.09 2.63 -0.58
CA LEU B 51 23.14 1.88 0.26
C LEU B 51 23.85 1.12 1.35
N GLU B 52 25.00 0.52 1.03
CA GLU B 52 25.76 -0.19 2.06
C GLU B 52 26.31 0.78 3.09
N LYS B 53 26.85 1.91 2.63
CA LYS B 53 27.44 2.86 3.57
C LYS B 53 26.41 3.38 4.56
N ASN B 54 25.15 3.48 4.14
CA ASN B 54 24.10 4.02 4.98
C ASN B 54 23.27 2.95 5.65
N GLY B 55 23.68 1.68 5.55
CA GLY B 55 23.10 0.61 6.33
C GLY B 55 21.81 0.04 5.79
N TYR B 56 21.41 0.38 4.55
CA TYR B 56 20.18 -0.16 3.95
C TYR B 56 20.36 -1.58 3.43
N ILE B 57 21.61 -1.95 3.11
CA ILE B 57 21.98 -3.28 2.71
C ILE B 57 23.31 -3.61 3.36
N THR B 58 23.61 -4.90 3.44
CA THR B 58 24.99 -5.37 3.52
C THR B 58 25.27 -6.07 2.20
N ARG B 59 26.55 -6.28 1.88
CA ARG B 59 26.83 -6.90 0.60
C ARG B 59 28.18 -7.61 0.60
N THR B 60 28.31 -8.52 -0.37
CA THR B 60 29.58 -9.10 -0.78
C THR B 60 29.75 -8.76 -2.24
N VAL B 61 30.87 -8.15 -2.59
CA VAL B 61 31.11 -7.71 -3.96
C VAL B 61 32.43 -8.31 -4.44
N THR B 62 32.41 -8.92 -5.63
CA THR B 62 33.62 -9.41 -6.27
C THR B 62 33.53 -9.08 -7.76
N LYS B 63 34.56 -9.48 -8.51
CA LYS B 63 34.53 -9.34 -9.97
C LYS B 63 33.42 -10.18 -10.61
N ARG B 64 32.81 -11.11 -9.87
CA ARG B 64 31.70 -11.90 -10.37
C ARG B 64 30.33 -11.30 -10.03
N GLY B 65 30.28 -10.08 -9.54
CA GLY B 65 29.02 -9.49 -9.16
C GLY B 65 28.86 -9.41 -7.65
N GLN B 66 27.60 -9.23 -7.23
CA GLN B 66 27.35 -8.85 -5.85
C GLN B 66 26.15 -9.60 -5.26
N ILE B 67 26.29 -10.00 -4.00
N ILE B 67 26.28 -9.99 -4.00
CA ILE B 67 25.20 -10.48 -3.17
CA ILE B 67 25.17 -10.48 -3.20
C ILE B 67 24.75 -9.31 -2.31
C ILE B 67 24.73 -9.34 -2.29
N LEU B 68 23.51 -8.86 -2.49
CA LEU B 68 22.98 -7.75 -1.71
C LEU B 68 21.98 -8.30 -0.70
N ASN B 69 22.17 -7.95 0.58
CA ASN B 69 21.28 -8.36 1.65
C ASN B 69 20.56 -7.12 2.14
N ILE B 70 19.23 -7.06 1.95
CA ILE B 70 18.49 -5.92 2.46
C ILE B 70 18.38 -6.05 3.97
N THR B 71 18.76 -5.00 4.68
CA THR B 71 18.67 -4.98 6.13
C THR B 71 17.27 -4.58 6.57
N GLU B 72 17.04 -4.69 7.88
CA GLU B 72 15.75 -4.24 8.42
C GLU B 72 15.51 -2.77 8.11
N LYS B 73 16.58 -1.96 8.15
CA LYS B 73 16.44 -0.55 7.80
C LYS B 73 16.05 -0.39 6.33
N GLY B 74 16.67 -1.17 5.44
CA GLY B 74 16.25 -1.15 4.03
C GLY B 74 14.79 -1.53 3.84
N LEU B 75 14.36 -2.61 4.47
CA LEU B 75 12.96 -3.01 4.35
C LEU B 75 12.03 -1.94 4.90
N ASP B 76 12.44 -1.27 6.00
CA ASP B 76 11.60 -0.25 6.61
C ASP B 76 11.31 0.89 5.62
N VAL B 77 12.25 1.19 4.71
CA VAL B 77 11.99 2.18 3.67
C VAL B 77 10.75 1.79 2.88
N LEU B 78 10.66 0.51 2.51
CA LEU B 78 9.56 0.07 1.66
C LEU B 78 8.26 -0.01 2.44
N TYR B 79 8.30 -0.55 3.67
CA TYR B 79 7.08 -0.65 4.44
C TYR B 79 6.58 0.74 4.87
N THR B 80 7.50 1.69 5.07
CA THR B 80 7.05 3.04 5.39
C THR B 80 6.36 3.69 4.20
N GLU B 81 6.91 3.53 2.99
CA GLU B 81 6.25 4.02 1.79
C GLU B 81 4.88 3.38 1.63
N PHE B 82 4.79 2.08 1.85
CA PHE B 82 3.49 1.41 1.71
C PHE B 82 2.47 1.97 2.70
N ALA B 83 2.90 2.19 3.96
CA ALA B 83 2.03 2.77 4.96
C ALA B 83 1.65 4.21 4.62
N ASP B 84 2.61 5.01 4.13
CA ASP B 84 2.27 6.36 3.68
C ASP B 84 1.14 6.33 2.68
N LEU B 85 1.24 5.46 1.67
CA LEU B 85 0.24 5.42 0.63
C LEU B 85 -1.07 4.88 1.16
N SER B 86 -1.00 3.88 2.06
N SER B 86 -1.00 3.87 2.04
CA SER B 86 -2.21 3.37 2.67
CA SER B 86 -2.21 3.37 2.70
C SER B 86 -2.93 4.46 3.45
C SER B 86 -2.93 4.49 3.42
N ARG B 87 -2.19 5.34 4.13
CA ARG B 87 -2.84 6.39 4.90
C ARG B 87 -3.37 7.47 3.96
N ILE B 88 -2.57 7.88 2.99
CA ILE B 88 -2.95 8.98 2.09
C ILE B 88 -4.11 8.58 1.17
N LEU B 89 -4.18 7.31 0.77
CA LEU B 89 -5.25 6.83 -0.09
C LEU B 89 -6.40 6.20 0.70
N ALA B 90 -6.30 6.16 2.02
CA ALA B 90 -7.32 5.58 2.91
C ALA B 90 -7.62 4.13 2.54
N ILE B 91 -6.56 3.33 2.42
CA ILE B 91 -6.66 1.89 2.14
C ILE B 91 -6.52 1.14 3.46
N LYS B 92 -7.52 0.33 3.80
CA LYS B 92 -7.50 -0.38 5.07
C LYS B 92 -6.45 -1.48 5.05
N ASN B 93 -5.68 -1.60 6.12
CA ASN B 93 -4.58 -2.57 6.13
C ASN B 93 -4.24 -2.95 7.56
N ASN B 94 -5.22 -3.48 8.29
CA ASN B 94 -4.99 -3.98 9.63
C ASN B 94 -4.14 -5.24 9.59
N VAL B 95 -3.65 -5.64 10.76
CA VAL B 95 -2.52 -6.56 10.87
C VAL B 95 -2.77 -7.48 12.06
N VAL B 96 -2.36 -8.74 11.93
CA VAL B 96 -2.36 -9.67 13.04
C VAL B 96 -0.95 -10.16 13.28
N ILE B 97 -0.50 -10.08 14.53
CA ILE B 97 0.83 -10.51 14.96
C ILE B 97 0.65 -11.60 16.00
N THR B 98 1.40 -12.68 15.86
CA THR B 98 1.41 -13.72 16.87
C THR B 98 2.78 -13.78 17.51
N GLY B 99 2.81 -14.08 18.80
CA GLY B 99 4.08 -14.12 19.49
C GLY B 99 3.88 -14.74 20.86
N THR B 100 4.90 -14.61 21.70
CA THR B 100 4.87 -15.25 23.01
C THR B 100 5.08 -14.22 24.11
N VAL B 101 4.42 -14.46 25.24
CA VAL B 101 4.50 -13.54 26.38
C VAL B 101 5.86 -13.68 27.04
N THR B 102 6.51 -12.57 27.34
CA THR B 102 7.78 -12.60 28.05
C THR B 102 7.71 -11.65 29.25
N SER B 103 8.68 -11.80 30.16
CA SER B 103 8.82 -10.93 31.32
C SER B 103 10.18 -10.26 31.29
N GLY B 104 10.34 -9.26 32.16
CA GLY B 104 11.55 -8.45 32.18
C GLY B 104 11.87 -7.88 33.53
N MET B 105 12.48 -6.70 33.53
CA MET B 105 13.01 -6.06 34.74
C MET B 105 12.00 -5.15 35.42
N GLY B 106 10.94 -4.76 34.73
CA GLY B 106 10.10 -3.67 35.18
C GLY B 106 10.32 -2.38 34.41
N GLU B 107 10.94 -2.44 33.24
CA GLU B 107 11.18 -1.22 32.45
C GLU B 107 9.87 -0.55 32.06
N GLY B 108 8.87 -1.35 31.64
CA GLY B 108 7.61 -0.79 31.19
C GLY B 108 6.91 0.04 32.25
N ARG B 109 6.93 -0.43 33.50
CA ARG B 109 6.28 0.34 34.57
C ARG B 109 6.98 1.68 34.76
N TYR B 110 8.31 1.70 34.68
CA TYR B 110 9.06 2.93 34.82
C TYR B 110 8.66 3.96 33.75
N TYR B 111 8.58 3.50 32.50
CA TYR B 111 8.17 4.35 31.38
C TYR B 111 6.74 4.83 31.51
N VAL B 112 5.81 3.88 31.68
CA VAL B 112 4.39 4.21 31.60
C VAL B 112 3.98 5.12 32.75
N ALA B 113 4.67 5.02 33.89
CA ALA B 113 4.37 5.85 35.05
C ALA B 113 4.79 7.31 34.88
N ARG B 114 5.57 7.66 33.85
CA ARG B 114 5.97 9.04 33.70
C ARG B 114 4.73 9.92 33.54
N LYS B 115 4.67 11.01 34.31
CA LYS B 115 3.51 11.89 34.26
C LYS B 115 3.24 12.39 32.85
N GLN B 116 4.30 12.75 32.13
CA GLN B 116 4.12 13.32 30.80
C GLN B 116 3.60 12.29 29.80
N TYR B 117 3.92 11.01 29.98
CA TYR B 117 3.27 9.97 29.17
C TYR B 117 1.84 9.73 29.62
N ILE B 118 1.60 9.66 30.94
CA ILE B 118 0.27 9.35 31.46
C ILE B 118 -0.76 10.36 30.96
N ILE B 119 -0.42 11.66 31.02
CA ILE B 119 -1.37 12.68 30.58
C ILE B 119 -1.73 12.47 29.12
N GLN B 120 -0.75 12.07 28.31
CA GLN B 120 -1.02 11.90 26.88
C GLN B 120 -1.80 10.60 26.60
N PHE B 121 -1.48 9.52 27.30
CA PHE B 121 -2.28 8.29 27.16
C PHE B 121 -3.75 8.58 27.44
N GLN B 122 -4.04 9.41 28.43
CA GLN B 122 -5.43 9.73 28.72
C GLN B 122 -6.00 10.66 27.65
N GLU B 123 -5.27 11.73 27.32
CA GLU B 123 -5.76 12.69 26.34
C GLU B 123 -5.88 12.08 24.94
N LYS B 124 -4.89 11.30 24.49
CA LYS B 124 -4.87 10.82 23.12
C LYS B 124 -5.45 9.43 22.94
N LEU B 125 -5.36 8.55 23.96
CA LEU B 125 -5.90 7.20 23.87
C LEU B 125 -7.12 6.96 24.72
N GLY B 126 -7.47 7.88 25.62
CA GLY B 126 -8.66 7.72 26.43
C GLY B 126 -8.56 6.73 27.57
N ILE B 127 -7.35 6.37 28.00
CA ILE B 127 -7.22 5.45 29.13
C ILE B 127 -6.23 5.98 30.15
N ILE B 128 -6.42 5.54 31.39
CA ILE B 128 -5.36 5.55 32.39
C ILE B 128 -4.85 4.13 32.49
N PRO B 129 -3.65 3.83 32.00
CA PRO B 129 -3.21 2.44 31.87
C PRO B 129 -2.73 1.85 33.19
N TYR B 130 -2.82 0.53 33.26
CA TYR B 130 -2.05 -0.20 34.26
C TYR B 130 -0.58 0.14 34.06
N LEU B 131 0.16 0.30 35.17
CA LEU B 131 1.54 0.77 35.03
C LEU B 131 2.45 -0.40 34.65
N GLY B 132 2.63 -0.58 33.35
CA GLY B 132 3.46 -1.65 32.85
C GLY B 132 3.23 -1.82 31.36
N THR B 133 4.07 -2.65 30.74
CA THR B 133 3.87 -3.04 29.35
C THR B 133 3.93 -4.55 29.26
N LEU B 134 2.98 -5.13 28.54
CA LEU B 134 3.01 -6.55 28.28
C LEU B 134 3.94 -6.80 27.09
N ASN B 135 5.03 -7.48 27.31
CA ASN B 135 5.91 -7.76 26.23
C ASN B 135 5.55 -9.00 25.45
N ILE B 136 5.57 -8.85 24.16
CA ILE B 136 5.28 -9.96 23.25
C ILE B 136 6.45 -10.13 22.30
N LYS B 137 7.08 -11.29 22.33
CA LYS B 137 8.15 -11.61 21.40
C LYS B 137 7.51 -12.16 20.13
N VAL B 138 7.61 -11.42 19.05
CA VAL B 138 6.88 -11.76 17.83
C VAL B 138 7.51 -12.98 17.19
N ASP B 139 6.68 -13.96 16.82
CA ASP B 139 7.14 -15.13 16.07
C ASP B 139 7.84 -14.73 14.78
N GLN B 140 8.83 -15.52 14.38
CA GLN B 140 9.54 -15.29 13.13
C GLN B 140 8.58 -15.18 11.95
N ALA B 141 7.56 -16.04 11.92
CA ALA B 141 6.62 -16.02 10.80
C ALA B 141 5.77 -14.76 10.77
N SER B 142 5.69 -14.02 11.88
CA SER B 142 4.94 -12.76 11.91
C SER B 142 5.81 -11.53 11.68
N LEU B 143 7.11 -11.70 11.46
CA LEU B 143 7.96 -10.53 11.27
C LEU B 143 7.54 -9.64 10.10
N PRO B 144 7.05 -10.16 8.97
CA PRO B 144 6.56 -9.24 7.94
C PRO B 144 5.42 -8.37 8.42
N GLU B 145 4.56 -8.89 9.30
CA GLU B 145 3.45 -8.09 9.82
C GLU B 145 3.94 -7.04 10.82
N LEU B 146 4.99 -7.36 11.60
CA LEU B 146 5.62 -6.37 12.46
C LEU B 146 6.23 -5.23 11.64
N ARG B 147 6.94 -5.58 10.56
CA ARG B 147 7.49 -4.55 9.67
C ARG B 147 6.40 -3.66 9.10
N LYS B 148 5.27 -4.26 8.74
CA LYS B 148 4.17 -3.46 8.19
C LYS B 148 3.65 -2.46 9.22
N ILE B 149 3.44 -2.90 10.46
CA ILE B 149 2.95 -1.98 11.48
C ILE B 149 3.95 -0.87 11.74
N ARG B 150 5.22 -1.23 11.81
CA ARG B 150 6.23 -0.21 12.09
C ARG B 150 6.28 0.84 11.00
N GLY B 151 5.77 0.52 9.81
CA GLY B 151 5.70 1.54 8.77
C GLY B 151 4.72 2.66 9.08
N PHE B 152 3.67 2.37 9.86
CA PHE B 152 2.59 3.33 10.02
C PHE B 152 2.89 4.35 11.12
N ARG B 153 2.16 5.46 11.07
CA ARG B 153 2.36 6.55 12.02
C ARG B 153 1.62 6.37 13.33
N GLY B 154 0.47 5.70 13.32
CA GLY B 154 -0.29 5.54 14.53
C GLY B 154 -0.67 6.86 15.15
N ILE B 155 -0.88 6.83 16.47
CA ILE B 155 -1.30 8.00 17.25
C ILE B 155 -0.07 8.58 17.94
N HIS B 156 0.25 9.85 17.66
CA HIS B 156 1.49 10.45 18.11
C HIS B 156 1.46 10.78 19.61
N ILE B 157 2.49 10.35 20.33
CA ILE B 157 2.67 10.66 21.75
C ILE B 157 3.97 11.46 21.86
N GLU B 158 3.89 12.72 22.25
CA GLU B 158 5.07 13.58 22.26
C GLU B 158 6.04 13.18 23.39
N GLY B 159 7.33 13.11 23.06
CA GLY B 159 8.36 12.88 24.05
C GLY B 159 8.61 14.10 24.90
N PHE B 160 9.54 13.97 25.84
CA PHE B 160 9.76 15.03 26.82
C PHE B 160 11.13 14.84 27.48
N LYS B 161 11.51 15.84 28.26
CA LYS B 161 12.76 15.88 29.01
C LYS B 161 12.47 16.00 30.49
N THR B 162 13.03 15.10 31.30
CA THR B 162 13.11 15.29 32.74
C THR B 162 14.57 15.51 33.12
N GLU B 163 14.79 15.71 34.42
CA GLU B 163 16.14 15.99 34.90
C GLU B 163 17.04 14.77 34.83
N ASP B 164 16.47 13.56 34.95
CA ASP B 164 17.29 12.36 34.93
C ASP B 164 17.54 11.83 33.52
N ARG B 165 16.58 11.95 32.60
CA ARG B 165 16.81 11.47 31.24
C ARG B 165 15.85 12.14 30.26
N THR B 166 15.95 11.74 29.00
CA THR B 166 15.07 12.18 27.93
C THR B 166 14.23 11.00 27.46
N PHE B 167 12.96 11.26 27.18
CA PHE B 167 12.02 10.24 26.76
C PHE B 167 11.56 10.54 25.35
N GLY B 168 11.74 9.58 24.44
CA GLY B 168 11.43 9.82 23.06
C GLY B 168 9.93 9.83 22.80
N SER B 169 9.56 10.37 21.66
CA SER B 169 8.19 10.26 21.19
C SER B 169 7.88 8.82 20.85
N VAL B 170 6.63 8.42 21.11
CA VAL B 170 6.20 7.07 20.80
C VAL B 170 4.92 7.15 19.99
N LYS B 171 4.61 6.06 19.31
CA LYS B 171 3.36 5.98 18.57
C LYS B 171 2.54 4.83 19.11
N ALA B 172 1.22 5.03 19.17
CA ALA B 172 0.28 4.07 19.72
C ALA B 172 -0.66 3.57 18.63
N PHE B 173 -0.92 2.25 18.63
CA PHE B 173 -1.90 1.68 17.73
C PHE B 173 -3.00 1.02 18.54
N PRO B 174 -4.27 1.37 18.30
CA PRO B 174 -5.35 0.56 18.87
C PRO B 174 -5.15 -0.89 18.49
N ALA B 175 -5.39 -1.78 19.45
CA ALA B 175 -5.17 -3.19 19.22
C ALA B 175 -6.15 -4.02 20.06
N LYS B 176 -6.17 -5.32 19.80
CA LYS B 176 -6.92 -6.27 20.61
C LYS B 176 -6.06 -7.51 20.79
N ILE B 177 -5.97 -7.98 22.04
CA ILE B 177 -5.31 -9.24 22.34
C ILE B 177 -6.36 -10.14 22.97
N GLN B 178 -6.64 -11.27 22.30
CA GLN B 178 -7.79 -12.12 22.60
C GLN B 178 -9.03 -11.28 22.89
N ASN B 179 -9.35 -10.39 21.95
CA ASN B 179 -10.52 -9.51 21.98
C ASN B 179 -10.54 -8.56 23.17
N ILE B 180 -9.43 -8.38 23.87
CA ILE B 180 -9.34 -7.35 24.90
C ILE B 180 -8.75 -6.09 24.26
N PRO B 181 -9.43 -4.95 24.36
CA PRO B 181 -8.88 -3.70 23.78
C PRO B 181 -7.64 -3.24 24.53
N CYS B 182 -6.70 -2.71 23.77
CA CYS B 182 -5.39 -2.34 24.29
C CYS B 182 -4.71 -1.50 23.22
N PHE B 183 -3.44 -1.20 23.44
CA PHE B 183 -2.69 -0.40 22.49
C PHE B 183 -1.29 -0.96 22.37
N VAL B 184 -0.79 -1.03 21.15
CA VAL B 184 0.63 -1.30 20.91
C VAL B 184 1.34 0.03 20.91
N ILE B 185 2.45 0.12 21.64
CA ILE B 185 3.24 1.34 21.74
C ILE B 185 4.64 1.05 21.26
N MET B 186 5.16 1.91 20.39
CA MET B 186 6.54 1.74 19.95
C MET B 186 7.17 3.10 19.77
N PRO B 187 8.50 3.20 19.83
CA PRO B 187 9.14 4.49 19.61
C PRO B 187 8.89 4.97 18.18
N GLU B 188 8.77 6.29 18.01
CA GLU B 188 8.65 6.81 16.65
C GLU B 188 9.95 6.62 15.88
N ARG B 189 11.09 6.70 16.56
CA ARG B 189 12.36 6.36 15.95
C ARG B 189 12.48 4.84 16.01
N THR B 190 12.28 4.18 14.86
CA THR B 190 12.17 2.73 14.85
C THR B 190 13.49 2.05 15.22
N VAL B 191 13.43 1.07 16.11
CA VAL B 191 14.54 0.16 16.39
C VAL B 191 14.07 -1.25 16.05
N TYR B 192 14.89 -1.99 15.30
CA TYR B 192 14.43 -3.26 14.75
C TYR B 192 14.64 -4.39 15.75
N THR B 193 13.59 -4.67 16.53
N THR B 193 13.61 -4.63 16.57
CA THR B 193 13.57 -5.74 17.51
CA THR B 193 13.59 -5.77 17.49
C THR B 193 12.28 -6.54 17.31
C THR B 193 12.37 -6.62 17.14
N ASP B 194 12.29 -7.81 17.73
CA ASP B 194 11.13 -8.65 17.57
C ASP B 194 10.17 -8.57 18.75
N VAL B 195 10.34 -7.57 19.63
CA VAL B 195 9.51 -7.43 20.81
C VAL B 195 8.58 -6.25 20.62
N ILE B 196 7.27 -6.47 20.80
CA ILE B 196 6.33 -5.35 20.86
C ILE B 196 5.86 -5.18 22.30
N GLU B 197 5.34 -4.00 22.59
CA GLU B 197 4.89 -3.66 23.94
C GLU B 197 3.44 -3.21 23.91
N ILE B 198 2.66 -3.72 24.85
CA ILE B 198 1.23 -3.46 24.90
C ILE B 198 0.91 -2.78 26.22
N ILE B 199 0.12 -1.70 26.15
CA ILE B 199 -0.47 -1.09 27.34
C ILE B 199 -1.99 -1.24 27.26
N SER B 200 -2.63 -1.15 28.43
CA SER B 200 -4.08 -1.31 28.55
C SER B 200 -4.49 -0.81 29.92
N ASP B 201 -5.76 -0.39 30.05
CA ASP B 201 -6.27 -0.11 31.39
C ASP B 201 -6.52 -1.38 32.19
N LYS B 202 -6.50 -2.54 31.53
CA LYS B 202 -6.63 -3.81 32.21
C LYS B 202 -5.25 -4.39 32.48
N TYR B 203 -5.10 -5.06 33.61
CA TYR B 203 -3.94 -5.89 33.88
C TYR B 203 -4.12 -7.20 33.11
N LEU B 204 -3.42 -7.31 31.98
CA LEU B 204 -3.70 -8.34 30.99
C LEU B 204 -3.33 -9.75 31.47
N ARG B 205 -2.28 -9.89 32.26
CA ARG B 205 -1.95 -11.22 32.76
C ARG B 205 -3.10 -11.81 33.54
N GLU B 206 -3.82 -10.99 34.31
CA GLU B 206 -4.98 -11.51 35.03
C GLU B 206 -6.21 -11.56 34.13
N GLU B 207 -6.43 -10.52 33.32
CA GLU B 207 -7.65 -10.43 32.54
C GLU B 207 -7.81 -11.63 31.62
N ILE B 208 -6.73 -12.07 30.98
CA ILE B 208 -6.84 -13.20 30.07
C ILE B 208 -5.92 -14.34 30.48
N ASN B 209 -5.51 -14.37 31.75
CA ASN B 209 -4.82 -15.51 32.35
C ASN B 209 -3.61 -15.92 31.51
N LEU B 210 -2.64 -15.02 31.48
CA LEU B 210 -1.43 -15.19 30.68
C LEU B 210 -0.25 -15.56 31.56
N HIS B 211 0.62 -16.40 31.02
CA HIS B 211 1.88 -16.76 31.63
C HIS B 211 2.99 -16.63 30.61
N ASP B 212 4.21 -16.43 31.09
CA ASP B 212 5.37 -16.42 30.20
C ASP B 212 5.37 -17.67 29.33
N GLY B 213 5.58 -17.46 28.05
CA GLY B 213 5.62 -18.54 27.08
C GLY B 213 4.31 -18.78 26.36
N ASP B 214 3.18 -18.31 26.91
CA ASP B 214 1.91 -18.44 26.21
C ASP B 214 1.97 -17.76 24.86
N ARG B 215 1.44 -18.41 23.84
CA ARG B 215 1.36 -17.83 22.50
C ARG B 215 0.06 -17.04 22.40
N VAL B 216 0.14 -15.82 21.88
CA VAL B 216 -1.03 -14.97 21.76
C VAL B 216 -1.09 -14.38 20.36
N SER B 217 -2.28 -13.93 19.99
CA SER B 217 -2.50 -13.25 18.73
C SER B 217 -2.94 -11.82 19.03
N VAL B 218 -2.31 -10.84 18.37
CA VAL B 218 -2.61 -9.43 18.58
C VAL B 218 -3.07 -8.82 17.25
N GLU B 219 -4.29 -8.32 17.22
CA GLU B 219 -4.78 -7.59 16.06
C GLU B 219 -4.44 -6.11 16.25
N VAL B 220 -3.81 -5.51 15.25
CA VAL B 220 -3.36 -4.14 15.35
C VAL B 220 -4.07 -3.31 14.28
N TYR B 221 -4.66 -2.20 14.70
CA TYR B 221 -5.42 -1.35 13.80
C TYR B 221 -4.54 -0.18 13.38
N THR B 222 -4.18 -0.15 12.11
CA THR B 222 -3.25 0.85 11.60
C THR B 222 -3.94 2.08 11.04
N GLU B 223 -5.26 2.08 10.94
CA GLU B 223 -5.99 3.25 10.46
C GLU B 223 -6.37 4.19 11.60
#